data_4P4X
#
_entry.id   4P4X
#
_cell.length_a   61.343
_cell.length_b   61.343
_cell.length_c   113.963
_cell.angle_alpha   90.00
_cell.angle_beta   90.00
_cell.angle_gamma   90.00
#
_symmetry.space_group_name_H-M   'P 41 2 2'
#
loop_
_entity.id
_entity.type
_entity.pdbx_description
1 polymer 'CYCLIC HEXADECAPEPTIDE (ORN)YLL(PH7)YTE(ORN)KVA(MLE)AVK'
2 non-polymer 'SULFATE ION'
3 non-polymer 'CHLORIDE ION'
4 water water
#
_entity_poly.entity_id   1
_entity_poly.type   'polypeptide(L)'
_entity_poly.pdbx_seq_one_letter_code
;(ORN)YLL(PHI)YTE(ORN)KVA(MLE)AVK
;
_entity_poly.pdbx_strand_id   A,B,C,D,E,F,G,H,I,J,K,L
#
loop_
_chem_comp.id
_chem_comp.type
_chem_comp.name
_chem_comp.formula
CL non-polymer 'CHLORIDE ION' 'Cl -1'
SO4 non-polymer 'SULFATE ION' 'O4 S -2'
#
# COMPACT_ATOMS: atom_id res chain seq x y z
N ORN A 1 -5.71 -6.49 15.04
CA ORN A 1 -6.01 -5.18 15.59
CB ORN A 1 -4.96 -4.81 16.63
CG ORN A 1 -5.11 -5.64 17.94
CD ORN A 1 -6.23 -5.11 18.87
NE ORN A 1 -5.92 -3.78 19.32
C ORN A 1 -6.11 -4.13 14.45
O ORN A 1 -5.94 -4.42 13.26
H2 ORN A 1 -4.73 -6.60 14.75
H ORN A 1 -6.26 -6.72 14.20
HA ORN A 1 -7.00 -5.28 16.03
HB2 ORN A 1 -5.06 -3.75 16.88
HB3 ORN A 1 -3.96 -5.01 16.21
HG2 ORN A 1 -5.33 -6.68 17.67
HG3 ORN A 1 -4.16 -5.60 18.48
HD2 ORN A 1 -7.18 -5.10 18.32
HD3 ORN A 1 -6.30 -5.77 19.74
HE1 ORN A 1 -5.25 -3.72 20.08
N TYR A 2 -6.48 -2.87 14.86
CA TYR A 2 -6.68 -1.80 13.91
C TYR A 2 -5.79 -0.62 14.16
N LEU A 3 -5.23 -0.03 13.10
CA LEU A 3 -4.62 1.28 13.25
C LEU A 3 -5.71 2.35 13.24
N LEU A 4 -5.74 3.19 14.27
CA LEU A 4 -6.68 4.32 14.41
C LEU A 4 -6.01 5.65 14.20
N PHI A 5 -6.67 6.55 13.48
CA PHI A 5 -6.13 7.88 13.25
CB PHI A 5 -6.20 8.26 11.75
CG PHI A 5 -5.36 7.31 10.87
CD1 PHI A 5 -4.11 7.77 10.27
CD2 PHI A 5 -5.83 6.02 10.63
CE1 PHI A 5 -3.39 6.92 9.46
CE2 PHI A 5 -5.09 5.17 9.83
CZ PHI A 5 -3.85 5.63 9.24
I PHI A 5 -2.77 4.29 8.00
C PHI A 5 -7.04 8.77 14.00
O PHI A 5 -8.28 8.73 13.72
H PHI A 5 -7.50 6.43 13.06
HA PHI A 5 -5.21 7.96 13.58
HB2 PHI A 5 -5.87 9.12 11.64
HB3 PHI A 5 -7.11 8.23 11.47
HD1 PHI A 5 -3.80 8.66 10.42
HD2 PHI A 5 -6.71 5.70 11.05
HE1 PHI A 5 -2.53 7.22 9.05
HE2 PHI A 5 -5.42 4.20 9.65
N TYR A 6 -6.54 9.55 14.95
CA TYR A 6 -7.41 10.42 15.71
C TYR A 6 -6.81 11.81 15.76
N THR A 7 -7.62 12.80 16.12
CA THR A 7 -7.14 14.16 16.24
C THR A 7 -7.07 14.57 17.68
N GLU A 8 -5.96 15.22 18.01
CA GLU A 8 -5.79 15.91 19.27
C GLU A 8 -5.17 17.26 18.93
N ORN A 9 -2.30 21.79 17.12
CA ORN A 9 -3.08 20.55 16.94
CB ORN A 9 -4.55 20.90 16.67
CG ORN A 9 -5.53 19.79 17.03
CD ORN A 9 -5.64 19.64 18.53
NE ORN A 9 -6.07 18.30 18.86
C ORN A 9 -2.55 19.67 15.77
O ORN A 9 -1.89 20.18 14.86
H2 ORN A 9 -1.29 21.64 17.09
H ORN A 9 -2.47 22.26 18.02
HA ORN A 9 -2.97 19.98 17.87
HB2 ORN A 9 -4.66 21.12 15.60
HB3 ORN A 9 -4.82 21.78 17.27
HG2 ORN A 9 -6.51 20.04 16.60
HG3 ORN A 9 -5.18 18.84 16.58
HD2 ORN A 9 -4.66 19.82 18.98
HD3 ORN A 9 -6.38 20.35 18.91
HE1 ORN A 9 -7.06 18.19 19.04
N LYS A 10 -2.85 18.32 15.83
CA LYS A 10 -2.39 17.40 14.78
C LYS A 10 -2.93 15.97 14.88
N VAL A 11 -2.68 15.20 13.81
CA VAL A 11 -3.16 13.83 13.68
C VAL A 11 -2.24 12.86 14.40
N ALA A 12 -2.82 11.99 15.23
CA ALA A 12 -2.08 11.04 16.06
C ALA A 12 -2.52 9.59 15.81
N MLE A 13 -1.68 8.61 16.12
CN MLE A 13 -0.30 8.78 16.56
CA MLE A 13 -2.05 7.23 15.86
CB MLE A 13 -1.22 6.58 14.79
CG MLE A 13 -1.58 7.20 13.46
CD1 MLE A 13 -0.38 7.90 12.90
CD2 MLE A 13 -2.01 6.10 12.52
C MLE A 13 -2.05 6.29 17.05
O MLE A 13 -1.28 6.43 18.04
HN1 MLE A 13 -0.16 9.72 16.80
HN2 MLE A 13 0.31 8.53 15.83
HN3 MLE A 13 -0.13 8.22 17.34
HA MLE A 13 -2.97 7.25 15.52
HB2 MLE A 13 -1.39 5.62 14.77
HB3 MLE A 13 -0.27 6.73 14.97
HG MLE A 13 -2.31 7.84 13.58
HD11 MLE A 13 -0.60 8.28 12.03
HD12 MLE A 13 0.36 7.25 12.79
HD13 MLE A 13 -0.09 8.60 13.51
HD21 MLE A 13 -2.15 6.46 11.63
HD22 MLE A 13 -2.85 5.70 12.85
HD23 MLE A 13 -1.32 5.40 12.49
N ALA A 14 -2.95 5.31 16.97
CA ALA A 14 -3.08 4.31 18.01
C ALA A 14 -3.32 2.94 17.38
N VAL A 15 -2.82 1.89 18.03
CA VAL A 15 -3.16 0.53 17.64
C VAL A 15 -4.05 -0.10 18.73
N LYS A 16 -5.18 -0.68 18.33
CA LYS A 16 -6.07 -1.33 19.29
C LYS A 16 -6.50 -2.67 18.73
N ORN B 1 -3.95 14.23 4.88
CA ORN B 1 -2.62 14.29 4.24
CB ORN B 1 -1.53 14.47 5.26
CG ORN B 1 -1.30 15.93 5.70
CD ORN B 1 -0.38 16.72 4.72
NE ORN B 1 0.89 16.02 4.49
C ORN B 1 -2.39 12.97 3.49
O ORN B 1 -3.02 11.94 3.77
H2 ORN B 1 -4.28 15.14 5.21
H ORN B 1 -4.68 13.88 4.26
HA ORN B 1 -2.67 15.11 3.50
HB2 ORN B 1 -1.73 13.86 6.14
HB3 ORN B 1 -0.59 14.14 4.78
HG2 ORN B 1 -2.27 16.44 5.76
HG3 ORN B 1 -0.84 15.94 6.69
HD2 ORN B 1 -0.90 16.84 3.76
HD3 ORN B 1 -0.15 17.70 5.15
HE1 ORN B 1 1.57 16.08 5.24
N TYR B 2 -1.48 13.02 2.47
CA TYR B 2 -1.18 11.81 1.71
C TYR B 2 -0.30 10.91 2.55
N LEU B 3 -0.44 9.61 2.34
CA LEU B 3 0.43 8.61 2.95
C LEU B 3 1.18 7.92 1.83
N LEU B 4 2.46 8.27 1.73
CA LEU B 4 3.28 7.87 0.60
C LEU B 4 4.43 7.00 1.05
N PHI B 5 4.48 5.77 0.57
CA PHI B 5 5.65 4.95 0.87
CB PHI B 5 5.48 3.49 0.35
CG PHI B 5 4.57 2.77 1.38
CD1 PHI B 5 5.11 2.32 2.65
CD2 PHI B 5 3.24 2.54 1.09
CE1 PHI B 5 4.32 1.66 3.55
CE2 PHI B 5 2.44 1.88 1.99
CZ PHI B 5 2.98 1.42 3.27
I PHI B 5 1.76 0.42 4.72
C PHI B 5 6.84 5.63 0.25
O PHI B 5 6.68 6.40 -0.77
H PHI B 5 3.84 5.33 0.04
HA PHI B 5 5.77 4.93 1.82
HB2 PHI B 5 6.31 3.08 0.31
HB3 PHI B 5 5.08 3.50 -0.51
HD1 PHI B 5 6.05 2.47 2.85
HD2 PHI B 5 2.84 2.85 0.19
HE1 PHI B 5 4.71 1.36 4.43
HE2 PHI B 5 1.43 1.71 1.77
N TYR B 6 8.01 5.45 0.83
CA TYR B 6 9.24 5.92 0.20
C TYR B 6 10.45 5.19 0.73
N THR B 7 11.53 5.31 -0.03
CA THR B 7 12.79 4.65 0.30
C THR B 7 13.89 5.58 -0.15
N GLU B 8 14.98 5.62 0.59
CA GLU B 8 16.15 6.35 0.15
C GLU B 8 17.19 5.41 -0.43
N ORN B 9 18.78 -0.07 2.11
CA ORN B 9 18.12 1.15 2.62
CB ORN B 9 18.16 2.28 1.58
CG ORN B 9 17.77 1.84 0.17
CD ORN B 9 17.78 3.02 -0.80
NE ORN B 9 16.91 4.05 -0.30
C ORN B 9 16.66 0.79 3.01
O ORN B 9 16.06 -0.12 2.45
H2 ORN B 9 18.50 -0.32 1.17
H ORN B 9 18.59 -0.90 2.69
HA ORN B 9 18.65 1.43 3.54
HB2 ORN B 9 17.47 3.09 1.89
HB3 ORN B 9 19.19 2.67 1.52
HG2 ORN B 9 16.77 1.42 0.20
HG3 ORN B 9 18.48 1.09 -0.18
HD2 ORN B 9 18.79 3.42 -0.89
HD3 ORN B 9 17.41 2.69 -1.77
HE1 ORN B 9 16.07 3.72 0.16
N LYS B 10 16.11 1.53 4.02
CA LYS B 10 14.77 1.25 4.52
C LYS B 10 13.67 1.83 3.66
N VAL B 11 12.47 1.27 3.86
CA VAL B 11 11.23 1.86 3.39
C VAL B 11 10.52 2.49 4.59
N ALA B 12 9.71 3.51 4.32
CA ALA B 12 9.02 4.23 5.37
C ALA B 12 7.72 4.82 4.80
N MLE B 13 6.79 5.20 5.66
CN MLE B 13 6.86 5.05 7.11
CA MLE B 13 5.57 5.80 5.21
CB MLE B 13 4.39 5.07 5.85
CG MLE B 13 3.05 5.41 5.19
CD1 MLE B 13 3.04 5.16 3.68
CD2 MLE B 13 2.04 4.48 5.80
C MLE B 13 5.60 7.29 5.51
O MLE B 13 5.53 7.73 6.67
HN1 MLE B 13 7.76 4.73 7.36
HN2 MLE B 13 6.18 4.41 7.39
HN3 MLE B 13 6.69 5.92 7.53
HA MLE B 13 5.51 5.68 4.24
HB2 MLE B 13 4.33 5.29 6.79
HB3 MLE B 13 4.54 4.11 5.74
HG MLE B 13 2.82 6.35 5.37
HD11 MLE B 13 2.15 5.37 3.33
HD12 MLE B 13 3.25 4.22 3.50
HD13 MLE B 13 3.71 5.73 3.25
HD21 MLE B 13 1.18 4.60 5.35
HD22 MLE B 13 1.94 4.70 6.76
HD23 MLE B 13 2.34 3.56 5.70
N ALA B 14 5.74 8.09 4.46
CA ALA B 14 5.71 9.54 4.60
C ALA B 14 4.30 10.01 4.73
N VAL B 15 4.14 11.01 5.57
CA VAL B 15 2.93 11.78 5.72
C VAL B 15 3.18 13.13 5.05
N LYS B 16 2.44 13.42 4.04
CA LYS B 16 2.48 14.63 3.23
C LYS B 16 1.12 15.32 3.32
N ORN C 1 -2.68 7.41 -13.83
CA ORN C 1 -3.03 8.13 -12.57
CB ORN C 1 -4.56 8.23 -12.38
CG ORN C 1 -5.24 9.34 -13.24
CD ORN C 1 -4.90 10.75 -12.76
NE ORN C 1 -5.21 10.94 -11.35
C ORN C 1 -2.47 7.38 -11.36
O ORN C 1 -2.44 6.16 -11.32
H2 ORN C 1 -2.84 7.98 -14.67
H ORN C 1 -1.71 7.11 -13.87
HA ORN C 1 -2.55 9.11 -12.62
HB2 ORN C 1 -5.02 7.27 -12.61
HB3 ORN C 1 -4.73 8.50 -11.34
HG2 ORN C 1 -6.33 9.20 -13.19
HG3 ORN C 1 -4.92 9.23 -14.28
HD2 ORN C 1 -3.83 10.93 -12.91
HD3 ORN C 1 -5.49 11.47 -13.34
HE1 ORN C 1 -6.20 11.08 -11.14
N TYR C 2 -2.04 8.18 -10.35
CA TYR C 2 -1.50 7.65 -9.12
C TYR C 2 -2.61 7.14 -8.22
N LEU C 3 -2.30 6.07 -7.49
CA LEU C 3 -3.18 5.59 -6.43
C LEU C 3 -2.49 5.90 -5.08
N LEU C 4 -2.94 6.97 -4.41
CA LEU C 4 -2.26 7.45 -3.20
C LEU C 4 -3.14 7.29 -1.98
N PHI C 5 -2.67 6.63 -0.94
CA PHI C 5 -3.45 6.56 0.30
CB PHI C 5 -2.84 5.54 1.32
CG PHI C 5 -3.30 4.12 0.86
CD1 PHI C 5 -4.68 3.71 1.11
CD2 PHI C 5 -2.45 3.25 0.19
CE1 PHI C 5 -5.09 2.46 0.72
CE2 PHI C 5 -2.86 1.99 -0.20
CZ PHI C 5 -4.24 1.58 0.06
I PHI C 5 -5.07 -0.30 -0.54
C PHI C 5 -3.47 7.94 0.87
O PHI C 5 -2.45 8.72 0.66
H PHI C 5 -1.84 6.17 -0.87
HA PHI C 5 -4.36 6.30 0.09
HB2 PHI C 5 -3.16 5.71 2.17
HB3 PHI C 5 -1.89 5.60 1.29
HD1 PHI C 5 -5.29 4.29 1.57
HD2 PHI C 5 -1.47 3.54 0.01
HE1 PHI C 5 -6.03 2.19 0.88
HE2 PHI C 5 -2.21 1.36 -0.70
N TYR C 6 -4.55 8.33 1.56
CA TYR C 6 -4.57 9.60 2.30
C TYR C 6 -5.53 9.56 3.48
N THR C 7 -5.42 10.56 4.35
CA THR C 7 -6.31 10.69 5.49
C THR C 7 -6.52 12.17 5.76
N GLU C 8 -7.74 12.56 6.13
CA GLU C 8 -8.02 13.95 6.51
C GLU C 8 -7.78 14.15 8.01
N ORN C 9 -10.47 9.94 12.28
CA ORN C 9 -10.14 10.17 10.91
CB ORN C 9 -8.79 10.89 10.81
CG ORN C 9 -8.87 12.41 10.88
CD ORN C 9 -7.67 13.04 10.19
NE ORN C 9 -7.86 13.03 8.78
C ORN C 9 -10.01 8.82 10.24
O ORN C 9 -9.67 7.82 10.86
H2 ORN C 9 -9.69 9.59 12.83
H ORN C 9 -11.22 9.25 12.39
HA ORN C 9 -10.97 10.72 10.46
HB2 ORN C 9 -8.13 10.55 11.63
HB3 ORN C 9 -8.33 10.64 9.84
HG2 ORN C 9 -8.91 12.73 11.92
HG3 ORN C 9 -9.78 12.73 10.37
HD2 ORN C 9 -7.58 14.08 10.53
HD3 ORN C 9 -6.77 12.46 10.44
HE1 ORN C 9 -8.08 12.12 8.39
N LYS C 10 -10.28 8.79 8.89
CA LYS C 10 -10.19 7.56 8.12
C LYS C 10 -9.06 7.64 7.10
N VAL C 11 -8.60 6.48 6.64
CA VAL C 11 -7.74 6.39 5.48
C VAL C 11 -8.63 6.17 4.29
N ALA C 12 -8.21 6.61 3.11
CA ALA C 12 -8.98 6.41 1.90
C ALA C 12 -7.99 6.26 0.76
N MLE C 13 -8.40 5.71 -0.39
CN MLE C 13 -9.73 5.20 -0.69
CA MLE C 13 -7.51 5.62 -1.52
CB MLE C 13 -7.41 4.18 -2.04
CG MLE C 13 -6.34 4.01 -3.09
CD1 MLE C 13 -4.93 4.16 -2.54
CD2 MLE C 13 -6.44 2.61 -3.68
C MLE C 13 -7.86 6.63 -2.62
O MLE C 13 -8.92 6.56 -3.26
HN1 MLE C 13 -9.68 4.23 -0.86
HN2 MLE C 13 -10.08 5.65 -1.48
HN3 MLE C 13 -10.32 5.37 0.07
HA MLE C 13 -6.62 5.86 -1.20
HB2 MLE C 13 -8.28 3.90 -2.40
HB3 MLE C 13 -7.19 3.61 -1.27
HG MLE C 13 -6.48 4.66 -3.80
HD11 MLE C 13 -4.28 4.04 -3.27
HD12 MLE C 13 -4.77 3.49 -1.84
HD13 MLE C 13 -4.82 5.06 -2.16
HD21 MLE C 13 -5.71 2.46 -4.32
HD22 MLE C 13 -7.30 2.51 -4.15
HD23 MLE C 13 -6.40 1.95 -2.95
N ALA C 14 -6.96 7.58 -2.86
CA ALA C 14 -7.13 8.61 -3.89
C ALA C 14 -6.69 8.12 -5.25
N VAL C 15 -7.39 8.61 -6.27
CA VAL C 15 -7.00 8.43 -7.66
C VAL C 15 -6.59 9.80 -8.18
N LYS C 16 -5.34 9.98 -8.44
CA LYS C 16 -4.73 11.20 -8.95
C LYS C 16 -4.23 10.97 -10.37
N ORN D 1 13.40 8.51 -2.76
CA ORN D 1 12.34 8.47 -3.78
CB ORN D 1 12.79 7.63 -4.98
CG ORN D 1 13.84 8.34 -5.88
CD ORN D 1 13.22 9.43 -6.77
NE ORN D 1 12.10 8.92 -7.53
C ORN D 1 11.05 7.87 -3.20
O ORN D 1 11.05 7.04 -2.29
H2 ORN D 1 13.80 7.60 -2.56
H ORN D 1 14.18 9.11 -3.01
HA ORN D 1 12.14 9.51 -4.05
HB2 ORN D 1 13.21 6.67 -4.64
HB3 ORN D 1 11.91 7.46 -5.62
HG2 ORN D 1 14.60 8.79 -5.22
HG3 ORN D 1 14.32 7.59 -6.51
HD2 ORN D 1 13.99 9.77 -7.47
HD3 ORN D 1 12.88 10.26 -6.14
HE1 ORN D 1 12.35 8.35 -8.35
N TYR D 2 9.90 8.33 -3.79
CA TYR D 2 8.59 7.85 -3.38
C TYR D 2 8.25 6.55 -4.08
N LEU D 3 7.55 5.69 -3.35
CA LEU D 3 7.01 4.44 -3.89
C LEU D 3 5.50 4.65 -4.04
N LEU D 4 5.06 4.92 -5.27
CA LEU D 4 3.69 5.32 -5.58
C LEU D 4 2.95 4.32 -6.49
N PHI D 5 1.85 3.75 -5.99
CA PHI D 5 1.00 2.84 -6.80
CB PHI D 5 -0.12 2.17 -5.95
CG PHI D 5 0.52 0.97 -5.23
CD1 PHI D 5 0.91 -0.20 -6.02
CD2 PHI D 5 0.79 1.00 -3.88
CE1 PHI D 5 1.51 -1.26 -5.43
CE2 PHI D 5 1.39 -0.08 -3.28
CZ PHI D 5 1.76 -1.24 -4.07
I PHI D 5 2.71 -2.93 -3.19
C PHI D 5 0.42 3.65 -7.92
O PHI D 5 0.03 4.83 -7.68
H PHI D 5 1.51 3.85 -5.13
HA PHI D 5 1.57 2.15 -7.18
HB2 PHI D 5 -0.79 1.87 -6.51
HB3 PHI D 5 -0.46 2.79 -5.31
HD1 PHI D 5 0.74 -0.20 -6.97
HD2 PHI D 5 0.52 1.82 -3.31
HE1 PHI D 5 1.77 -2.06 -5.97
HE2 PHI D 5 1.58 -0.07 -2.26
N TYR D 6 0.35 3.11 -9.13
CA TYR D 6 -0.33 3.84 -10.20
C TYR D 6 -0.93 2.90 -11.20
N THR D 7 -1.84 3.41 -12.04
CA THR D 7 -2.42 2.63 -13.14
C THR D 7 -2.46 3.43 -14.44
N GLU D 8 -2.31 2.74 -15.56
CA GLU D 8 -2.39 3.39 -16.87
C GLU D 8 -3.41 2.68 -17.75
N ORN D 9 -6.66 -2.50 -17.19
CA ORN D 9 -5.36 -2.03 -16.73
CB ORN D 9 -5.31 -0.50 -16.68
CG ORN D 9 -5.35 0.17 -18.05
CD ORN D 9 -5.65 1.66 -17.88
NE ORN D 9 -4.59 2.33 -17.15
C ORN D 9 -5.09 -2.57 -15.32
O ORN D 9 -6.00 -2.70 -14.51
H2 ORN D 9 -7.45 -2.01 -16.74
H ORN D 9 -6.83 -3.49 -17.01
HA ORN D 9 -4.61 -2.48 -17.41
HB2 ORN D 9 -6.18 -0.15 -16.10
HB3 ORN D 9 -4.38 -0.19 -16.18
HG2 ORN D 9 -6.13 -0.28 -18.66
HG3 ORN D 9 -4.38 0.05 -18.54
HD2 ORN D 9 -6.58 1.76 -17.32
HD3 ORN D 9 -5.73 2.11 -18.88
HE1 ORN D 9 -4.79 2.55 -16.17
N LYS D 10 -3.79 -2.88 -15.04
CA LYS D 10 -3.40 -3.36 -13.73
C LYS D 10 -2.70 -2.22 -13.04
N VAL D 11 -2.13 -2.49 -11.88
CA VAL D 11 -1.40 -1.48 -11.14
C VAL D 11 0.08 -1.76 -11.24
N ALA D 12 0.87 -0.73 -10.93
CA ALA D 12 2.29 -0.85 -10.93
C ALA D 12 2.85 0.04 -9.81
N MLE D 13 4.10 -0.17 -9.41
CN MLE D 13 4.88 -1.30 -9.79
CA MLE D 13 4.68 0.60 -8.35
CB MLE D 13 5.24 -0.33 -7.28
CG MLE D 13 5.42 0.30 -5.89
CD1 MLE D 13 6.65 1.16 -5.84
CD2 MLE D 13 4.24 1.10 -5.40
C MLE D 13 5.77 1.47 -8.94
O MLE D 13 6.83 1.01 -9.38
HN1 MLE D 13 4.91 -1.94 -9.05
HN2 MLE D 13 5.79 -1.01 -10.01
HN3 MLE D 13 4.48 -1.73 -10.57
HA MLE D 13 4.00 1.17 -7.95
HB2 MLE D 13 6.11 -0.66 -7.58
HB3 MLE D 13 4.64 -1.09 -7.20
HG MLE D 13 5.55 -0.43 -5.27
HD11 MLE D 13 6.55 1.91 -6.47
HD12 MLE D 13 7.43 0.63 -6.10
HD13 MLE D 13 6.77 1.51 -4.93
HD21 MLE D 13 4.46 1.49 -4.53
HD22 MLE D 13 3.46 0.50 -5.30
HD23 MLE D 13 4.03 1.80 -6.04
N ALA D 14 5.48 2.76 -9.00
CA ALA D 14 6.45 3.72 -9.49
C ALA D 14 7.46 4.03 -8.42
N VAL D 15 8.71 4.16 -8.85
CA VAL D 15 9.76 4.75 -8.03
C VAL D 15 9.99 6.17 -8.52
N LYS D 16 9.63 7.13 -7.77
CA LYS D 16 9.77 8.55 -8.10
C LYS D 16 10.79 9.18 -7.20
N ORN E 1 6.64 14.75 7.12
CA ORN E 1 6.93 13.91 8.31
CB ORN E 1 5.93 14.19 9.42
CG ORN E 1 6.23 15.48 10.17
CD ORN E 1 7.49 15.37 11.03
NE ORN E 1 7.27 14.47 12.13
C ORN E 1 6.81 12.46 7.89
O ORN E 1 6.56 12.16 6.72
H2 ORN E 1 6.92 15.73 7.24
H ORN E 1 5.65 14.79 6.87
HA ORN E 1 7.97 14.10 8.59
HB2 ORN E 1 5.97 13.36 10.15
HB3 ORN E 1 4.93 14.28 8.98
HG2 ORN E 1 5.39 15.72 10.82
HG3 ORN E 1 6.37 16.30 9.45
HD2 ORN E 1 8.32 14.98 10.42
HD3 ORN E 1 7.74 16.36 11.44
HE1 ORN E 1 6.73 14.84 12.90
N TYR E 2 7.05 11.52 8.86
CA TYR E 2 6.93 10.10 8.54
C TYR E 2 6.38 9.36 9.75
N LEU E 3 5.82 8.20 9.47
CA LEU E 3 5.28 7.34 10.52
C LEU E 3 6.40 6.50 11.07
N LEU E 4 6.54 6.55 12.38
CA LEU E 4 7.45 5.72 13.17
C LEU E 4 6.76 4.51 13.76
N PHI E 5 7.40 3.35 13.71
CA PHI E 5 6.86 2.16 14.38
CB PHI E 5 6.95 0.92 13.45
CG PHI E 5 6.02 1.19 12.24
CD1 PHI E 5 4.71 0.56 12.15
CD2 PHI E 5 6.46 2.04 11.26
CE1 PHI E 5 3.90 0.81 11.06
CE2 PHI E 5 5.66 2.27 10.16
CZ PHI E 5 4.37 1.67 10.09
I PHI E 5 3.20 2.13 8.39
C PHI E 5 7.78 1.92 15.51
O PHI E 5 9.04 1.99 15.28
H PHI E 5 8.21 3.16 13.27
HA PHI E 5 5.96 2.31 14.69
HB2 PHI E 5 6.66 0.18 13.91
HB3 PHI E 5 7.84 0.79 13.15
HD1 PHI E 5 4.41 -0.02 12.85
HD2 PHI E 5 7.39 2.48 11.33
HE1 PHI E 5 3.00 0.39 10.99
HE2 PHI E 5 5.98 2.94 9.41
N TYR E 6 7.25 1.65 16.70
CA TYR E 6 8.12 1.30 17.81
C TYR E 6 7.42 0.30 18.72
N THR E 7 8.18 -0.37 19.58
CA THR E 7 7.58 -1.30 20.53
C THR E 7 7.33 -0.65 21.90
N GLU E 8 6.06 -0.53 22.32
CA GLU E 8 5.79 -0.17 23.72
C GLU E 8 5.10 -1.38 24.34
N ORN E 9 6.28 -6.52 23.52
CA ORN E 9 4.81 -6.34 23.81
CB ORN E 9 4.56 -5.34 24.94
CG ORN E 9 5.69 -4.33 25.09
CD ORN E 9 5.34 -3.16 25.99
NE ORN E 9 5.81 -1.98 25.35
C ORN E 9 4.04 -5.97 22.50
O ORN E 9 3.81 -6.83 21.65
H2 ORN E 9 6.78 -5.63 23.42
H ORN E 9 6.47 -7.04 22.66
HA ORN E 9 4.45 -7.33 24.09
HB2 ORN E 9 3.64 -4.77 24.72
HB3 ORN E 9 4.47 -5.87 25.88
HG2 ORN E 9 5.95 -3.94 24.10
HG3 ORN E 9 6.57 -4.85 25.51
HD2 ORN E 9 4.25 -3.10 26.09
HD3 ORN E 9 5.83 -3.28 26.95
HE1 ORN E 9 6.72 -1.64 25.66
N LYS E 10 3.64 -4.65 22.32
CA LYS E 10 2.91 -4.29 21.09
C LYS E 10 3.54 -3.16 20.28
N VAL E 11 3.29 -3.21 18.98
CA VAL E 11 3.83 -2.19 18.09
C VAL E 11 2.90 -0.98 18.12
N ALA E 12 3.47 0.21 18.15
CA ALA E 12 2.70 1.43 18.28
C ALA E 12 3.20 2.43 17.27
N MLE E 13 2.39 3.44 16.94
CN MLE E 13 1.02 3.60 17.36
CA MLE E 13 2.80 4.40 15.96
CB MLE E 13 1.98 4.36 14.69
CG MLE E 13 2.59 3.32 13.74
CD1 MLE E 13 2.12 1.92 14.10
CD2 MLE E 13 2.17 3.66 12.33
C MLE E 13 2.89 5.82 16.49
O MLE E 13 2.23 6.23 17.48
HN1 MLE E 13 0.87 4.53 17.68
HN2 MLE E 13 0.42 3.41 16.60
HN3 MLE E 13 0.83 2.98 18.10
HA MLE E 13 3.71 4.16 15.71
HB2 MLE E 13 1.96 5.23 14.25
HB3 MLE E 13 1.07 4.08 14.92
HG MLE E 13 3.56 3.35 13.81
HD11 MLE E 13 2.50 1.27 13.47
HD12 MLE E 13 1.14 1.88 14.03
HD13 MLE E 13 2.38 1.71 15.01
HD21 MLE E 13 2.48 2.95 11.72
HD22 MLE E 13 2.56 4.52 12.07
HD23 MLE E 13 1.19 3.72 12.29
N ALA E 14 3.75 6.58 15.84
CA ALA E 14 3.90 7.99 16.12
C ALA E 14 4.16 8.67 14.81
N VAL E 15 3.81 9.94 14.74
CA VAL E 15 4.07 10.76 13.57
C VAL E 15 5.25 11.62 13.89
N LYS E 16 6.28 11.54 13.08
CA LYS E 16 7.43 12.38 13.39
C LYS E 16 7.76 13.18 12.14
N ORN F 1 4.48 -8.10 12.65
CA ORN F 1 3.04 -8.25 12.33
CB ORN F 1 2.18 -7.49 13.40
CG ORN F 1 1.93 -8.28 14.71
CD ORN F 1 1.01 -9.50 14.46
NE ORN F 1 -0.28 -9.08 13.96
C ORN F 1 2.78 -7.66 10.95
O ORN F 1 3.42 -6.70 10.50
H2 ORN F 1 4.75 -7.14 12.89
H ORN F 1 4.78 -8.67 13.45
HA ORN F 1 2.84 -9.32 12.30
HB2 ORN F 1 1.20 -7.27 12.95
HB3 ORN F 1 2.70 -6.55 13.65
HG2 ORN F 1 2.90 -8.62 15.10
HG3 ORN F 1 1.46 -7.62 15.43
HD2 ORN F 1 1.48 -10.17 13.72
HD3 ORN F 1 0.86 -10.03 15.41
HE1 ORN F 1 -0.86 -8.60 14.64
N TYR F 2 1.78 -8.28 10.23
CA TYR F 2 1.40 -7.81 8.91
C TYR F 2 0.60 -6.52 9.01
N LEU F 3 0.76 -5.65 8.03
CA LEU F 3 -0.07 -4.45 7.88
C LEU F 3 -0.94 -4.66 6.66
N LEU F 4 -2.21 -4.93 6.90
CA LEU F 4 -3.13 -5.36 5.85
C LEU F 4 -4.26 -4.34 5.68
N PHI F 5 -4.40 -3.76 4.50
CA PHI F 5 -5.56 -2.91 4.26
CB PHI F 5 -5.45 -2.12 2.93
CG PHI F 5 -4.50 -0.92 3.18
CD1 PHI F 5 -5.00 0.26 3.85
CD2 PHI F 5 -3.19 -0.95 2.77
CE1 PHI F 5 -4.19 1.33 4.08
CE2 PHI F 5 -2.37 0.13 3.02
CZ PHI F 5 -2.87 1.32 3.70
I PHI F 5 -1.54 2.99 4.06
C PHI F 5 -6.74 -3.81 4.32
O PHI F 5 -6.65 -5.07 4.04
H PHI F 5 -3.83 -3.83 3.76
HA PHI F 5 -5.62 -2.27 4.98
HB2 PHI F 5 -6.28 -1.82 2.67
HB3 PHI F 5 -5.08 -2.69 2.25
HD1 PHI F 5 -5.92 0.30 4.13
HD2 PHI F 5 -2.82 -1.79 2.30
HE1 PHI F 5 -4.56 2.14 4.56
HE2 PHI F 5 -1.37 0.09 2.72
N TYR F 6 -7.87 -3.24 4.72
CA TYR F 6 -9.04 -4.02 5.08
C TYR F 6 -10.27 -3.17 4.92
N THR F 7 -11.42 -3.79 4.67
CA THR F 7 -12.67 -3.05 4.59
C THR F 7 -13.84 -4.02 4.68
N GLU F 8 -14.88 -3.60 5.39
CA GLU F 8 -16.12 -4.36 5.49
C GLU F 8 -17.18 -3.86 4.52
N ORN F 9 -18.53 2.05 2.97
CA ORN F 9 -17.78 1.51 4.10
CB ORN F 9 -17.81 -0.03 4.10
CG ORN F 9 -17.57 -0.68 2.74
CD ORN F 9 -17.77 -2.19 2.80
NE ORN F 9 -16.86 -2.75 3.78
C ORN F 9 -16.32 2.01 3.96
O ORN F 9 -15.88 2.34 2.87
H2 ORN F 9 -18.34 1.58 2.09
H ORN F 9 -18.35 3.05 2.81
HA ORN F 9 -18.20 1.94 5.00
HB2 ORN F 9 -17.04 -0.40 4.79
HB3 ORN F 9 -18.81 -0.35 4.44
HG2 ORN F 9 -16.54 -0.46 2.42
HG3 ORN F 9 -18.26 -0.24 2.02
HD2 ORN F 9 -17.56 -2.62 1.83
HD3 ORN F 9 -18.80 -2.39 3.11
HE1 ORN F 9 -15.97 -2.28 3.86
N LYS F 10 -15.60 2.13 5.13
CA LYS F 10 -14.23 2.63 5.12
C LYS F 10 -13.17 1.57 4.88
N VAL F 11 -12.04 2.00 4.33
CA VAL F 11 -10.81 1.22 4.36
C VAL F 11 -10.12 1.48 5.67
N ALA F 12 -9.44 0.48 6.20
CA ALA F 12 -8.75 0.61 7.44
C ALA F 12 -7.46 -0.20 7.39
N MLE F 13 -6.47 0.16 8.18
CN MLE F 13 -6.42 1.30 9.05
CA MLE F 13 -5.24 -0.59 8.14
CB MLE F 13 -4.00 0.26 8.01
CG MLE F 13 -2.74 -0.55 7.82
CD1 MLE F 13 -2.68 -1.16 6.42
CD2 MLE F 13 -1.55 0.38 7.92
C MLE F 13 -5.27 -1.50 9.34
O MLE F 13 -5.21 -1.06 10.53
HN1 MLE F 13 -7.31 1.72 9.10
HN2 MLE F 13 -5.78 1.95 8.71
HN3 MLE F 13 -6.14 1.02 9.95
HA MLE F 13 -5.29 -1.16 7.34
HB2 MLE F 13 -3.91 0.83 8.81
HB3 MLE F 13 -4.12 0.85 7.23
HG MLE F 13 -2.67 -1.25 8.50
HD11 MLE F 13 -1.84 -1.65 6.32
HD12 MLE F 13 -2.72 -0.45 5.75
HD13 MLE F 13 -3.44 -1.76 6.30
HD21 MLE F 13 -0.73 -0.11 7.70
HD22 MLE F 13 -1.50 0.73 8.83
HD23 MLE F 13 -1.67 1.13 7.29
N ALA F 14 -5.39 -2.80 9.07
CA ALA F 14 -5.27 -3.82 10.11
C ALA F 14 -3.83 -4.13 10.42
N VAL F 15 -3.57 -4.42 11.69
CA VAL F 15 -2.30 -4.90 12.18
C VAL F 15 -2.52 -6.29 12.74
N LYS F 16 -2.02 -7.32 12.09
CA LYS F 16 -2.07 -8.76 12.35
C LYS F 16 -0.69 -9.30 12.67
N ORN G 1 1.28 -14.89 -5.52
CA ORN G 1 1.81 -14.51 -4.19
CB ORN G 1 3.35 -14.41 -4.20
CG ORN G 1 4.09 -15.77 -4.14
CD ORN G 1 3.92 -16.50 -2.81
NE ORN G 1 4.51 -15.74 -1.70
C ORN G 1 1.24 -13.15 -3.79
O ORN G 1 0.73 -12.39 -4.62
H2 ORN G 1 1.42 -15.88 -5.74
H ORN G 1 0.28 -14.72 -5.62
HA ORN G 1 1.42 -15.25 -3.48
HB2 ORN G 1 3.66 -13.84 -3.32
HB3 ORN G 1 3.65 -13.91 -5.12
HG2 ORN G 1 3.71 -16.41 -4.95
HG3 ORN G 1 5.15 -15.58 -4.31
HD2 ORN G 1 2.85 -16.63 -2.61
HD3 ORN G 1 4.44 -17.46 -2.87
HE1 ORN G 1 5.53 -15.77 -1.65
N TYR G 2 1.31 -12.86 -2.46
CA TYR G 2 0.82 -11.61 -1.93
C TYR G 2 2.00 -10.69 -1.64
N LEU G 3 1.78 -9.40 -1.86
CA LEU G 3 2.74 -8.37 -1.48
C LEU G 3 2.17 -7.73 -0.24
N LEU G 4 2.75 -8.04 0.91
CA LEU G 4 2.18 -7.64 2.20
C LEU G 4 3.15 -6.80 3.00
N PHI G 5 2.70 -5.63 3.44
CA PHI G 5 3.54 -4.79 4.30
CB PHI G 5 2.92 -3.36 4.33
CG PHI G 5 3.38 -2.61 3.05
CD1 PHI G 5 4.77 -2.14 2.94
CD2 PHI G 5 2.52 -2.37 2.00
CE1 PHI G 5 5.21 -1.47 1.84
CE2 PHI G 5 2.97 -1.71 0.89
CZ PHI G 5 4.35 -1.23 0.77
I PHI G 5 5.08 -0.19 -0.95
C PHI G 5 3.58 -5.48 5.63
O PHI G 5 2.61 -6.26 5.98
H PHI G 5 1.86 -5.24 3.27
HA PHI G 5 4.43 -4.75 3.92
HB2 PHI G 5 3.22 -2.92 5.07
HB3 PHI G 5 1.97 -3.44 4.34
HD1 PHI G 5 5.37 -2.31 3.67
HD2 PHI G 5 1.55 -2.69 2.05
HE1 PHI G 5 6.18 -1.17 1.79
HE2 PHI G 5 2.31 -1.52 0.10
N TYR G 6 4.67 -5.27 6.37
CA TYR G 6 4.82 -5.84 7.69
C TYR G 6 5.82 -5.00 8.47
N THR G 7 5.77 -5.14 9.79
CA THR G 7 6.72 -4.47 10.65
C THR G 7 7.26 -5.48 11.65
N GLU G 8 8.47 -5.23 12.15
CA GLU G 8 9.06 -6.03 13.22
C GLU G 8 9.16 -5.23 14.53
N ORN G 9 11.10 0.61 15.08
CA ORN G 9 11.42 -0.48 14.14
CB ORN G 9 10.74 -1.79 14.55
CG ORN G 9 9.37 -1.65 15.12
CD ORN G 9 8.90 -3.01 15.58
NE ORN G 9 8.85 -3.89 14.46
C ORN G 9 11.01 -0.05 12.72
O ORN G 9 10.56 1.07 12.50
H2 ORN G 9 10.10 0.67 15.31
H ORN G 9 11.36 1.53 14.73
HA ORN G 9 12.50 -0.56 14.15
HB2 ORN G 9 10.67 -2.43 13.65
HB3 ORN G 9 11.37 -2.26 15.31
HG2 ORN G 9 8.68 -1.27 14.36
HG3 ORN G 9 9.40 -0.96 15.98
HD2 ORN G 9 9.59 -3.40 16.34
HD3 ORN G 9 7.89 -2.91 16.00
HE1 ORN G 9 8.58 -3.45 13.58
N LYS G 10 11.15 -0.97 11.73
CA LYS G 10 10.85 -0.65 10.33
C LYS G 10 9.55 -1.21 9.77
N VAL G 11 9.13 -0.63 8.66
CA VAL G 11 8.10 -1.24 7.84
C VAL G 11 8.81 -1.74 6.59
N ALA G 12 8.36 -2.86 6.06
CA ALA G 12 9.01 -3.48 4.92
C ALA G 12 7.98 -4.23 4.06
N MLE G 13 8.30 -4.50 2.80
CN MLE G 13 9.41 -3.98 2.06
CA MLE G 13 7.41 -5.27 1.99
CB MLE G 13 7.20 -4.65 0.62
CG MLE G 13 6.09 -5.36 -0.17
CD1 MLE G 13 4.74 -5.11 0.46
CD2 MLE G 13 6.08 -4.75 -1.56
C MLE G 13 7.91 -6.69 1.88
O MLE G 13 9.10 -6.97 1.51
HN1 MLE G 13 10.03 -3.54 2.67
HN2 MLE G 13 9.08 -3.33 1.40
HN3 MLE G 13 9.87 -4.72 1.61
HA MLE G 13 6.53 -5.30 2.44
HB2 MLE G 13 8.03 -4.68 0.12
HB3 MLE G 13 6.93 -3.72 0.75
HG MLE G 13 6.28 -6.31 -0.21
HD11 MLE G 13 4.04 -5.55 -0.08
HD12 MLE G 13 4.56 -4.15 0.50
HD13 MLE G 13 4.73 -5.48 1.37
HD21 MLE G 13 5.31 -5.11 -2.06
HD22 MLE G 13 6.91 -4.97 -2.02
HD23 MLE G 13 5.99 -3.78 -1.49
N ALA G 14 7.01 -7.63 2.16
CA ALA G 14 7.29 -9.04 2.01
C ALA G 14 6.60 -9.61 0.78
N VAL G 15 7.24 -10.59 0.19
CA VAL G 15 6.62 -11.42 -0.84
C VAL G 15 6.24 -12.75 -0.24
N LYS G 16 4.99 -13.04 -0.24
CA LYS G 16 4.49 -14.30 0.29
C LYS G 16 3.73 -15.05 -0.81
N ORN H 1 -13.22 -7.77 4.47
CA ORN H 1 -12.23 -8.47 3.65
CB ORN H 1 -12.74 -8.68 2.24
CG ORN H 1 -13.60 -9.95 2.07
CD ORN H 1 -12.80 -11.27 2.29
NE ORN H 1 -11.52 -11.27 1.59
C ORN H 1 -10.93 -7.65 3.61
O ORN H 1 -10.88 -6.45 3.94
H2 ORN H 1 -12.85 -7.40 5.34
H ORN H 1 -13.64 -6.96 3.99
HA ORN H 1 -12.01 -9.41 4.17
HB2 ORN H 1 -11.86 -8.77 1.57
HB3 ORN H 1 -13.34 -7.81 1.96
HG2 ORN H 1 -14.42 -9.92 2.79
HG3 ORN H 1 -14.01 -9.96 1.05
HD2 ORN H 1 -12.61 -11.39 3.36
HD3 ORN H 1 -13.40 -12.11 1.91
HE1 ORN H 1 -10.69 -11.33 2.16
N TYR H 2 -9.83 -8.36 3.22
CA TYR H 2 -8.53 -7.74 3.10
C TYR H 2 -8.34 -7.25 1.69
N LEU H 3 -7.64 -6.12 1.60
CA LEU H 3 -7.21 -5.55 0.34
C LEU H 3 -5.72 -5.82 0.20
N LEU H 4 -5.38 -6.84 -0.58
CA LEU H 4 -3.98 -7.31 -0.65
C LEU H 4 -3.39 -7.15 -2.04
N PHI H 5 -2.21 -6.56 -2.14
CA PHI H 5 -1.50 -6.53 -3.43
CB PHI H 5 -0.31 -5.56 -3.40
CG PHI H 5 -0.92 -4.13 -3.53
CD1 PHI H 5 -1.58 -3.77 -4.79
CD2 PHI H 5 -0.89 -3.24 -2.49
CE1 PHI H 5 -2.15 -2.53 -4.91
CE2 PHI H 5 -1.47 -2.01 -2.64
CZ PHI H 5 -2.10 -1.64 -3.87
I PHI H 5 -3.01 0.27 -4.14
C PHI H 5 -1.10 -7.94 -3.74
O PHI H 5 -0.71 -8.73 -2.83
H PHI H 5 -1.72 -6.13 -1.46
HA PHI H 5 -2.12 -6.24 -4.11
HB2 PHI H 5 0.26 -5.72 -4.12
HB3 PHI H 5 0.17 -5.64 -2.58
HD1 PHI H 5 -1.61 -4.39 -5.52
HD2 PHI H 5 -0.43 -3.50 -1.60
HE1 PHI H 5 -2.60 -2.27 -5.77
HE2 PHI H 5 -1.43 -1.32 -1.85
N TYR H 6 -1.17 -8.28 -5.03
CA TYR H 6 -1.08 -9.67 -5.46
C TYR H 6 -0.36 -9.73 -6.80
N THR H 7 0.42 -10.78 -7.03
CA THR H 7 1.02 -11.01 -8.34
C THR H 7 1.23 -12.49 -8.56
N GLU H 8 0.96 -12.95 -9.77
CA GLU H 8 1.29 -14.31 -10.21
C GLU H 8 2.77 -14.39 -10.56
N ORN H 9 5.25 -10.22 -14.87
CA ORN H 9 4.11 -10.38 -13.97
CB ORN H 9 4.58 -11.00 -12.65
CG ORN H 9 4.86 -12.49 -12.68
CD ORN H 9 4.74 -13.10 -11.28
NE ORN H 9 3.36 -13.21 -10.92
C ORN H 9 3.56 -9.01 -13.62
O ORN H 9 4.33 -8.08 -13.38
H2 ORN H 9 6.08 -9.86 -14.40
H ORN H 9 5.08 -9.57 -15.64
HB2 ORN H 9 5.49 -10.50 -12.32
HB3 ORN H 9 3.78 -10.86 -11.91
HG2 ORN H 9 5.87 -12.66 -13.07
HG3 ORN H 9 4.13 -12.98 -13.34
HD2 ORN H 9 5.24 -12.44 -10.57
HD3 ORN H 9 5.19 -14.09 -11.29
HE1 ORN H 9 2.83 -12.33 -10.95
N LYS H 10 2.20 -8.86 -13.56
CA LYS H 10 1.59 -7.59 -13.17
C LYS H 10 1.24 -7.68 -11.70
N VAL H 11 0.98 -6.53 -11.07
CA VAL H 11 0.40 -6.49 -9.73
C VAL H 11 -1.04 -6.09 -9.85
N ALA H 12 -1.88 -6.69 -9.01
CA ALA H 12 -3.27 -6.31 -8.93
C ALA H 12 -3.69 -6.15 -7.47
N MLE H 13 -4.69 -5.32 -7.19
CN MLE H 13 -5.40 -4.43 -8.08
CA MLE H 13 -5.19 -5.25 -5.85
CB MLE H 13 -5.72 -3.88 -5.47
CG MLE H 13 -6.06 -3.76 -4.01
CD1 MLE H 13 -4.94 -4.18 -3.07
CD2 MLE H 13 -6.31 -2.30 -3.81
C MLE H 13 -6.27 -6.31 -5.74
O MLE H 13 -7.32 -6.26 -6.44
HN1 MLE H 13 -5.08 -4.57 -9.00
HN2 MLE H 13 -5.24 -3.50 -7.81
HN3 MLE H 13 -6.36 -4.62 -8.03
HA MLE H 13 -4.47 -5.49 -5.24
HB2 MLE H 13 -6.51 -3.67 -6.00
HB3 MLE H 13 -5.01 -3.24 -5.67
HG MLE H 13 -6.87 -4.28 -3.81
HD11 MLE H 13 -5.22 -4.03 -2.14
HD12 MLE H 13 -4.14 -3.64 -3.26
HD13 MLE H 13 -4.73 -5.13 -3.20
HD21 MLE H 13 -6.46 -2.12 -2.85
HD22 MLE H 13 -7.10 -2.03 -4.32
HD23 MLE H 13 -5.54 -1.79 -4.11
N ALA H 14 -6.01 -7.30 -4.89
CA ALA H 14 -7.01 -8.35 -4.66
C ALA H 14 -7.90 -8.03 -3.46
N VAL H 15 -9.21 -8.23 -3.63
CA VAL H 15 -10.18 -8.09 -2.55
C VAL H 15 -10.45 -9.49 -2.02
N LYS H 16 -9.83 -9.87 -0.85
CA LYS H 16 -10.17 -11.24 -0.52
C LYS H 16 -11.50 -11.23 0.22
N ORN I 1 10.79 5.91 -12.87
CA ORN I 1 10.88 4.45 -13.17
CB ORN I 1 12.25 3.93 -12.78
CG ORN I 1 13.39 4.43 -13.70
CD ORN I 1 13.33 3.78 -15.09
NE ORN I 1 13.55 2.34 -15.02
C ORN I 1 9.77 3.66 -12.42
O ORN I 1 9.01 4.20 -11.63
H2 ORN I 1 9.83 6.27 -12.91
H ORN I 1 11.32 6.49 -13.53
HA ORN I 1 10.68 4.35 -14.24
HB2 ORN I 1 12.24 2.83 -12.83
HB3 ORN I 1 12.47 4.26 -11.76
HG2 ORN I 1 14.35 4.18 -13.23
HG3 ORN I 1 13.31 5.51 -13.80
HD2 ORN I 1 12.35 3.97 -15.54
HD3 ORN I 1 14.13 4.23 -15.70
HE1 ORN I 1 14.53 2.05 -14.96
N TYR I 2 9.68 2.33 -12.72
CA TYR I 2 8.69 1.49 -12.07
C TYR I 2 9.30 0.13 -11.81
N LEU I 3 8.71 -0.59 -10.85
CA LEU I 3 9.16 -1.92 -10.50
C LEU I 3 8.51 -2.97 -11.39
N LEU I 4 9.36 -3.82 -11.94
CA LEU I 4 8.97 -4.98 -12.73
C LEU I 4 8.98 -6.23 -11.88
N PHI I 5 7.93 -7.04 -11.94
CA PHI I 5 7.89 -8.34 -11.28
CB PHI I 5 6.51 -8.59 -10.64
CG PHI I 5 6.29 -7.52 -9.56
CD1 PHI I 5 6.48 -7.90 -8.18
CD2 PHI I 5 5.95 -6.23 -9.89
CE1 PHI I 5 6.29 -6.99 -7.19
CE2 PHI I 5 5.78 -5.30 -8.91
CZ PHI I 5 5.95 -5.70 -7.54
I PHI I 5 5.69 -4.26 -6.01
C PHI I 5 8.06 -9.39 -12.33
O PHI I 5 7.33 -9.34 -13.38
H PHI I 5 7.12 -6.86 -12.40
HA PHI I 5 8.59 -8.42 -10.62
HB2 PHI I 5 6.49 -9.44 -10.26
HB3 PHI I 5 5.83 -8.52 -11.32
HD1 PHI I 5 6.71 -8.81 -7.95
HD2 PHI I 5 5.84 -5.97 -10.88
HE1 PHI I 5 6.41 -7.23 -6.22
HE2 PHI I 5 5.52 -4.32 -9.14
N TYR I 6 8.95 -10.34 -12.12
CA TYR I 6 9.10 -11.45 -13.05
C TYR I 6 9.40 -12.70 -12.24
N THR I 7 9.46 -13.85 -12.89
CA THR I 7 9.63 -15.10 -12.17
C THR I 7 11.05 -15.62 -12.31
N GLU I 8 11.74 -15.68 -11.18
CA GLU I 8 13.07 -16.29 -11.08
C GLU I 8 12.87 -17.75 -10.73
N ORN I 9 11.21 -21.70 -7.87
CA ORN I 9 10.98 -20.55 -8.77
CB ORN I 9 10.33 -21.04 -10.08
CG ORN I 9 10.60 -20.13 -11.29
CD ORN I 9 12.09 -19.95 -11.61
NE ORN I 9 12.38 -18.53 -11.76
C ORN I 9 10.10 -19.47 -8.08
O ORN I 9 8.88 -19.63 -7.94
H2 ORN I 9 10.40 -22.32 -7.79
H ORN I 9 11.44 -21.43 -6.91
HA ORN I 9 11.97 -20.10 -8.95
HB2 ORN I 9 9.25 -21.09 -9.93
HB3 ORN I 9 10.74 -22.03 -10.32
HG2 ORN I 9 10.16 -19.15 -11.09
HG3 ORN I 9 10.10 -20.57 -12.16
HD2 ORN I 9 12.69 -20.34 -10.77
HD3 ORN I 9 12.34 -20.47 -12.54
HE1 ORN I 9 12.18 -18.15 -12.68
N LYS I 10 10.77 -18.39 -7.60
CA LYS I 10 10.09 -17.31 -6.88
C LYS I 10 9.78 -16.08 -7.76
N VAL I 11 9.10 -15.11 -7.13
CA VAL I 11 8.96 -13.79 -7.72
C VAL I 11 10.28 -13.05 -7.52
N ALA I 12 10.64 -12.26 -8.52
CA ALA I 12 11.89 -11.50 -8.50
C ALA I 12 11.63 -10.10 -9.01
N MLE I 13 12.42 -9.10 -8.58
CN MLE I 13 13.56 -9.25 -7.69
CA MLE I 13 12.14 -7.75 -8.98
CB MLE I 13 11.71 -6.89 -7.81
CG MLE I 13 10.19 -6.90 -7.68
CD1 MLE I 13 9.76 -8.04 -6.79
CD2 MLE I 13 9.76 -5.61 -7.04
C MLE I 13 13.25 -7.03 -9.74
O MLE I 13 14.46 -7.35 -9.69
HN1 MLE I 13 13.36 -8.81 -6.83
HN2 MLE I 13 14.35 -8.83 -8.10
HN3 MLE I 13 13.73 -10.20 -7.54
HA MLE I 13 11.38 -7.79 -9.59
HB2 MLE I 13 12.01 -5.97 -7.94
HB3 MLE I 13 12.10 -7.25 -7.00
HG MLE I 13 9.78 -6.99 -8.56
HD11 MLE I 13 8.79 -8.03 -6.69
HD12 MLE I 13 10.19 -7.93 -5.91
HD13 MLE I 13 10.05 -8.88 -7.18
HD21 MLE I 13 8.80 -5.64 -6.85
HD22 MLE I 13 9.95 -4.85 -7.64
HD23 MLE I 13 10.25 -5.48 -6.20
N ALA I 14 12.82 -6.02 -10.49
CA ALA I 14 13.74 -5.16 -11.20
C ALA I 14 13.15 -3.77 -11.29
N VAL I 15 14.02 -2.77 -11.38
CA VAL I 15 13.58 -1.39 -11.54
C VAL I 15 13.81 -0.99 -12.97
N LYS I 16 12.82 -0.47 -13.62
CA LYS I 16 12.85 -0.03 -14.99
C LYS I 16 12.50 1.46 -15.06
N ORN J 1 9.22 -13.88 1.55
CA ORN J 1 10.62 -13.49 1.35
CB ORN J 1 11.10 -13.88 -0.05
CG ORN J 1 11.50 -15.35 -0.14
CD ORN J 1 12.86 -15.60 0.54
NE ORN J 1 13.94 -14.89 -0.15
C ORN J 1 10.77 -11.99 1.51
O ORN J 1 9.82 -11.22 1.36
H2 ORN J 1 8.78 -13.44 2.36
H ORN J 1 8.61 -13.65 0.76
HA ORN J 1 11.18 -13.97 2.15
HB2 ORN J 1 10.32 -13.67 -0.80
HB3 ORN J 1 12.01 -13.29 -0.27
HG2 ORN J 1 10.73 -15.97 0.33
HG3 ORN J 1 11.58 -15.62 -1.20
HD2 ORN J 1 12.81 -15.25 1.57
HD3 ORN J 1 13.07 -16.68 0.50
HE1 ORN J 1 14.20 -15.27 -1.05
N TYR J 2 12.03 -11.56 1.80
CA TYR J 2 12.38 -10.16 1.99
C TYR J 2 12.58 -9.46 0.67
N LEU J 3 12.01 -8.27 0.54
CA LEU J 3 12.40 -7.35 -0.52
C LEU J 3 13.41 -6.42 0.07
N LEU J 4 14.65 -6.53 -0.41
CA LEU J 4 15.72 -5.67 0.06
C LEU J 4 15.91 -4.54 -0.93
N PHI J 5 15.98 -3.32 -0.44
CA PHI J 5 16.22 -2.17 -1.30
CB PHI J 5 15.37 -0.98 -0.87
CG PHI J 5 13.88 -1.26 -1.15
CD1 PHI J 5 13.24 -0.52 -2.23
CD2 PHI J 5 13.17 -2.17 -0.39
CE1 PHI J 5 11.92 -0.72 -2.51
CE2 PHI J 5 11.84 -2.38 -0.69
CZ PHI J 5 11.22 -1.64 -1.74
I PHI J 5 9.17 -1.98 -2.15
C PHI J 5 17.62 -1.80 -1.05
O PHI J 5 18.02 -1.71 0.16
H PHI J 5 15.89 -3.07 0.47
HA PHI J 5 16.08 -2.40 -2.22
HB2 PHI J 5 15.63 -0.24 -1.36
HB3 PHI J 5 15.49 -0.81 0.06
HD1 PHI J 5 13.76 0.11 -2.73
HD2 PHI J 5 13.63 -2.69 0.37
HE1 PHI J 5 11.48 -0.21 -3.25
HE2 PHI J 5 11.28 -3.07 -0.13
N TYR J 6 18.38 -1.59 -2.11
CA TYR J 6 19.76 -1.14 -1.95
C TYR J 6 20.10 -0.17 -3.08
N THR J 7 21.31 0.36 -3.08
CA THR J 7 21.73 1.32 -4.08
C THR J 7 22.90 0.77 -4.85
N GLU J 8 22.72 0.54 -6.15
CA GLU J 8 23.85 0.21 -7.00
C GLU J 8 24.21 1.43 -7.84
N ORN J 9 24.12 6.83 -6.05
CA ORN J 9 23.58 6.00 -7.17
CB ORN J 9 24.13 4.58 -7.09
CG ORN J 9 25.63 4.47 -7.42
CD ORN J 9 25.93 3.19 -8.22
NE ORN J 9 25.42 2.01 -7.53
C ORN J 9 22.02 6.00 -7.13
O ORN J 9 21.39 6.93 -6.59
H2 ORN J 9 24.06 6.37 -5.14
H ORN J 9 23.62 7.72 -5.92
HA ORN J 9 23.88 6.52 -8.10
HB2 ORN J 9 23.96 4.17 -6.10
HB3 ORN J 9 23.60 3.97 -7.84
HG2 ORN J 9 26.21 4.45 -6.48
HG3 ORN J 9 25.93 5.33 -8.02
HD2 ORN J 9 27.02 3.09 -8.32
HD3 ORN J 9 25.45 3.26 -9.20
HE1 ORN J 9 26.03 1.64 -6.80
N LYS J 10 21.39 4.93 -7.73
CA LYS J 10 19.94 4.82 -7.73
C LYS J 10 19.49 3.48 -7.14
N VAL J 11 18.20 3.39 -6.85
CA VAL J 11 17.64 2.28 -6.08
C VAL J 11 17.54 1.00 -6.92
N ALA J 12 17.81 -0.12 -6.27
CA ALA J 12 17.69 -1.42 -6.89
C ALA J 12 17.13 -2.41 -5.87
N MLE J 13 16.54 -3.51 -6.32
CN MLE J 13 16.19 -3.76 -7.70
CA MLE J 13 15.97 -4.46 -5.38
CB MLE J 13 14.47 -4.61 -5.56
CG MLE J 13 13.72 -3.47 -4.90
CD1 MLE J 13 13.70 -2.26 -5.81
CD2 MLE J 13 12.29 -3.90 -4.66
C MLE J 13 16.56 -5.85 -5.48
O MLE J 13 17.15 -6.25 -6.52
HN1 MLE J 13 16.67 -3.14 -8.28
HN2 MLE J 13 15.23 -3.64 -7.82
HN3 MLE J 13 16.42 -4.68 -7.94
HA MLE J 13 16.14 -4.12 -4.48
HB2 MLE J 13 14.17 -5.47 -5.16
HB3 MLE J 13 14.26 -4.63 -6.51
HG MLE J 13 14.15 -3.24 -4.06
HD11 MLE J 13 13.20 -1.54 -5.36
HD12 MLE J 13 13.26 -2.49 -6.65
HD13 MLE J 13 14.62 -1.96 -5.98
HD21 MLE J 13 11.77 -3.14 -4.32
HD22 MLE J 13 12.27 -4.62 -4.01
HD23 MLE J 13 11.90 -4.21 -5.50
N ALA J 14 16.43 -6.60 -4.40
CA ALA J 14 16.76 -8.02 -4.40
C ALA J 14 15.71 -8.72 -3.58
N VAL J 15 15.43 -9.97 -3.93
CA VAL J 15 14.53 -10.79 -3.12
C VAL J 15 15.32 -11.95 -2.53
N LYS J 16 15.09 -12.17 -1.27
CA LYS J 16 15.68 -13.19 -0.43
C LYS J 16 14.57 -13.81 0.42
N ORN K 1 -10.00 12.52 -7.23
CA ORN K 1 -11.12 11.62 -6.86
CB ORN K 1 -11.72 11.00 -8.13
CG ORN K 1 -12.56 11.98 -8.96
CD ORN K 1 -13.85 12.37 -8.25
NE ORN K 1 -14.76 11.25 -8.15
C ORN K 1 -10.61 10.52 -5.95
O ORN K 1 -9.41 10.35 -5.78
H2 ORN K 1 -10.31 13.41 -7.63
H ORN K 1 -9.41 12.79 -6.42
HA ORN K 1 -11.84 12.22 -6.31
HB2 ORN K 1 -12.37 10.16 -7.84
HB3 ORN K 1 -10.90 10.63 -8.76
HG2 ORN K 1 -11.96 12.87 -9.16
HG3 ORN K 1 -12.82 11.50 -9.92
HD2 ORN K 1 -13.61 12.73 -7.25
HD3 ORN K 1 -14.34 13.16 -8.82
HE1 ORN K 1 -15.23 10.99 -9.02
N TYR K 2 -11.57 9.75 -5.33
CA TYR K 2 -11.17 8.67 -4.42
C TYR K 2 -12.03 7.44 -4.60
N LEU K 3 -11.46 6.29 -4.25
CA LEU K 3 -12.15 5.03 -4.36
C LEU K 3 -13.12 4.85 -3.22
N LEU K 4 -14.35 4.55 -3.58
CA LEU K 4 -15.44 4.34 -2.65
C LEU K 4 -15.74 2.86 -2.53
N PHI K 5 -15.75 2.32 -1.32
CA PHI K 5 -16.14 0.91 -1.10
CB PHI K 5 -15.26 0.25 0.01
CG PHI K 5 -13.78 0.34 -0.45
CD1 PHI K 5 -13.12 -0.83 -0.99
CD2 PHI K 5 -13.11 1.53 -0.38
CE1 PHI K 5 -11.84 -0.77 -1.40
CE2 PHI K 5 -11.80 1.61 -0.80
CZ PHI K 5 -11.17 0.43 -1.33
I PHI K 5 -9.16 0.55 -1.98
C PHI K 5 -17.55 0.84 -0.64
O PHI K 5 -17.98 1.64 0.26
H PHI K 5 -15.54 2.75 -0.51
HA PHI K 5 -16.04 0.42 -1.92
HB2 PHI K 5 -15.50 -0.64 0.10
HB3 PHI K 5 -15.38 0.72 0.84
HD1 PHI K 5 -13.60 -1.67 -1.04
HD2 PHI K 5 -13.57 2.37 -0.01
HE1 PHI K 5 -11.38 -1.58 -1.77
HE2 PHI K 5 -11.28 2.51 -0.74
N TYR K 6 -18.33 -0.10 -1.19
CA TYR K 6 -19.68 -0.33 -0.68
C TYR K 6 -20.06 -1.80 -0.73
N THR K 7 -21.21 -2.10 -0.14
CA THR K 7 -21.71 -3.46 -0.03
C THR K 7 -22.75 -3.73 -1.12
N GLU K 8 -22.51 -4.75 -1.94
CA GLU K 8 -23.55 -5.34 -2.78
C GLU K 8 -23.80 -6.75 -2.23
N ORN K 9 -22.83 -11.96 -0.07
CA ORN K 9 -22.83 -10.46 -0.27
CB ORN K 9 -23.65 -9.79 0.81
CG ORN K 9 -23.88 -8.32 0.59
CD ORN K 9 -24.96 -8.05 -0.49
NE ORN K 9 -24.67 -6.81 -1.16
C ORN K 9 -21.35 -9.95 -0.28
O ORN K 9 -20.54 -10.32 0.57
H2 ORN K 9 -22.64 -12.24 0.90
H ORN K 9 -22.13 -12.44 -0.63
HA ORN K 9 -23.24 -10.30 -1.27
HB2 ORN K 9 -24.64 -10.28 0.83
HB3 ORN K 9 -23.16 -9.92 1.79
HG2 ORN K 9 -22.94 -7.85 0.26
HG3 ORN K 9 -24.20 -7.85 1.52
HD2 ORN K 9 -24.96 -8.86 -1.22
HD3 ORN K 9 -25.94 -7.97 -0.01
HE1 ORN K 9 -25.08 -5.97 -0.76
N LYS K 10 -21.01 -9.10 -1.31
CA LYS K 10 -19.62 -8.63 -1.48
C LYS K 10 -19.31 -7.15 -1.46
N VAL K 11 -18.02 -6.86 -1.32
CA VAL K 11 -17.45 -5.53 -1.44
C VAL K 11 -17.35 -5.13 -2.92
N ALA K 12 -17.82 -3.94 -3.25
CA ALA K 12 -17.68 -3.43 -4.61
C ALA K 12 -17.10 -2.02 -4.56
N MLE K 13 -16.54 -1.52 -5.67
CN MLE K 13 -16.25 -2.28 -6.86
CA MLE K 13 -15.95 -0.22 -5.66
CB MLE K 13 -14.44 -0.26 -5.89
CG MLE K 13 -13.68 -0.67 -4.63
CD1 MLE K 13 -13.57 -2.17 -4.55
CD2 MLE K 13 -12.27 -0.10 -4.70
C MLE K 13 -16.56 0.74 -6.66
O MLE K 13 -17.29 0.32 -7.58
HN1 MLE K 13 -15.29 -2.48 -6.89
HN2 MLE K 13 -16.51 -1.76 -7.65
HN3 MLE K 13 -16.75 -3.13 -6.85
HA MLE K 13 -16.09 0.17 -4.77
HB2 MLE K 13 -14.12 0.62 -6.19
HB3 MLE K 13 -14.26 -0.92 -6.58
HG MLE K 13 -14.14 -0.33 -3.84
HD11 MLE K 13 -13.06 -2.41 -3.74
HD12 MLE K 13 -13.09 -2.51 -5.33
HD13 MLE K 13 -14.46 -2.57 -4.50
HD21 MLE K 13 -11.75 -0.43 -3.95
HD22 MLE K 13 -12.32 0.89 -4.66
HD23 MLE K 13 -11.85 -0.37 -5.54
N ALA K 14 -16.30 2.03 -6.46
CA ALA K 14 -16.65 3.06 -7.44
C ALA K 14 -15.67 4.22 -7.32
N VAL K 15 -15.39 4.91 -8.43
CA VAL K 15 -14.57 6.11 -8.40
C VAL K 15 -15.49 7.31 -8.32
N LYS K 16 -15.24 8.18 -7.35
CA LYS K 16 -15.96 9.40 -7.07
C LYS K 16 -14.97 10.57 -6.98
N ORN L 1 -11.25 -12.23 -5.42
CA ORN L 1 -11.36 -11.43 -6.71
CB ORN L 1 -12.76 -10.82 -6.86
CG ORN L 1 -13.86 -11.76 -7.45
CD ORN L 1 -13.50 -12.38 -8.79
NE ORN L 1 -13.60 -11.42 -9.88
C ORN L 1 -10.33 -10.28 -6.69
O ORN L 1 -9.74 -9.97 -5.66
H2 ORN L 1 -11.64 -11.75 -4.61
H ORN L 1 -10.28 -12.45 -5.17
HA ORN L 1 -11.09 -12.11 -7.51
HB2 ORN L 1 -12.69 -9.95 -7.53
HB3 ORN L 1 -13.11 -10.50 -5.87
HG2 ORN L 1 -14.78 -11.17 -7.57
HG3 ORN L 1 -14.07 -12.57 -6.73
HD2 ORN L 1 -12.47 -12.75 -8.73
HD3 ORN L 1 -14.20 -13.20 -8.98
HE1 ORN L 1 -14.55 -11.17 -10.16
N TYR L 2 -10.11 -9.64 -7.89
CA TYR L 2 -9.16 -8.53 -7.96
C TYR L 2 -9.73 -7.42 -8.83
N LEU L 3 -9.18 -6.22 -8.66
CA LEU L 3 -9.67 -5.04 -9.35
C LEU L 3 -8.83 -4.73 -10.56
N LEU L 4 -9.49 -4.43 -11.66
CA LEU L 4 -8.79 -3.88 -12.80
C LEU L 4 -9.35 -2.50 -13.02
N PHI L 5 -8.57 -1.65 -13.66
CA PHI L 5 -8.94 -0.27 -13.88
CB PHI L 5 -7.79 0.64 -13.40
CG PHI L 5 -7.59 0.41 -11.87
CD1 PHI L 5 -8.13 1.37 -10.92
CD2 PHI L 5 -6.89 -0.69 -11.40
CE1 PHI L 5 -7.95 1.18 -9.58
CE2 PHI L 5 -6.72 -0.88 -10.04
CZ PHI L 5 -7.27 0.07 -9.12
I PHI L 5 -7.00 -0.25 -7.02
C PHI L 5 -9.16 -0.15 -15.34
O PHI L 5 -8.49 -0.90 -16.16
H PHI L 5 -7.71 -1.84 -14.01
HA PHI L 5 -9.75 -0.07 -13.41
HB2 PHI L 5 -8.02 1.53 -13.55
HB3 PHI L 5 -6.97 0.43 -13.87
HD1 PHI L 5 -8.61 2.14 -11.23
HD2 PHI L 5 -6.50 -1.37 -12.06
HE1 PHI L 5 -8.34 1.84 -8.93
HE2 PHI L 5 -6.20 -1.72 -9.69
N TYR L 6 -10.07 0.72 -15.74
CA TYR L 6 -10.19 1.06 -17.15
C TYR L 6 -10.45 2.52 -17.23
N THR L 7 -9.65 3.20 -18.04
CA THR L 7 -9.68 4.64 -18.09
C THR L 7 -9.81 5.13 -19.52
N GLU L 8 -10.23 6.37 -19.65
CA GLU L 8 -10.37 7.05 -20.93
C GLU L 8 -9.53 8.33 -20.95
N ORN L 9 -11.44 13.24 -19.05
CA ORN L 9 -11.79 11.81 -18.77
CB ORN L 9 -10.77 10.88 -19.43
CG ORN L 9 -9.29 11.11 -19.02
CD ORN L 9 -8.37 10.03 -19.57
NE ORN L 9 -9.13 8.81 -19.72
C ORN L 9 -11.86 11.50 -17.24
O ORN L 9 -11.66 12.36 -16.39
H2 ORN L 9 -11.63 13.52 -20.01
H ORN L 9 -10.44 13.44 -18.90
HA ORN L 9 -12.79 11.67 -19.17
HB2 ORN L 9 -11.02 9.84 -19.15
HB3 ORN L 9 -10.84 11.00 -20.52
HG2 ORN L 9 -9.21 11.12 -17.92
HG3 ORN L 9 -8.97 12.09 -19.40
HD2 ORN L 9 -7.99 10.33 -20.55
HD3 ORN L 9 -7.54 9.85 -18.87
HE1 ORN L 9 -9.38 8.35 -18.84
N LYS L 10 -12.16 10.19 -16.92
CA LYS L 10 -12.26 9.73 -15.53
C LYS L 10 -12.00 8.23 -15.44
N VAL L 11 -11.62 7.77 -14.25
CA VAL L 11 -11.17 6.38 -14.04
C VAL L 11 -12.33 5.46 -13.66
N ALA L 12 -12.39 4.29 -14.28
CA ALA L 12 -13.46 3.33 -14.06
C ALA L 12 -12.90 2.03 -13.48
N MLE L 13 -13.69 1.33 -12.65
CN MLE L 13 -15.10 1.54 -12.42
CA MLE L 13 -13.18 0.23 -11.89
CB MLE L 13 -13.21 0.68 -10.45
CG MLE L 13 -11.92 0.36 -9.73
CD1 MLE L 13 -11.23 1.65 -9.37
CD2 MLE L 13 -12.29 -0.36 -8.45
C MLE L 13 -13.94 -1.08 -12.06
O MLE L 13 -14.95 -1.33 -11.34
HN1 MLE L 13 -15.43 2.24 -13.02
HN2 MLE L 13 -15.24 1.82 -11.49
HN3 MLE L 13 -15.58 0.71 -12.59
HA MLE L 13 -12.24 0.07 -12.15
HB2 MLE L 13 -13.95 0.24 -9.98
HB3 MLE L 13 -13.34 1.64 -10.42
HG MLE L 13 -11.34 -0.21 -10.29
HD11 MLE L 13 -11.01 2.14 -10.18
HD12 MLE L 13 -10.41 1.46 -8.87
HD13 MLE L 13 -11.83 2.20 -8.81
HD21 MLE L 13 -11.48 -0.50 -7.90
HD22 MLE L 13 -12.67 -1.24 -8.67
HD23 MLE L 13 -12.94 0.16 -7.96
N ALA L 14 -13.49 -1.91 -12.99
CA ALA L 14 -14.07 -3.25 -13.22
C ALA L 14 -13.49 -4.27 -12.23
N VAL L 15 -14.31 -5.21 -11.76
CA VAL L 15 -13.86 -6.26 -10.82
C VAL L 15 -13.91 -7.65 -11.47
N LYS L 16 -12.93 -8.52 -11.14
CA LYS L 16 -12.74 -9.89 -11.62
C LYS L 16 -12.49 -10.88 -10.47
S SO4 M . -5.43 -9.88 16.59
O1 SO4 M . -4.85 -11.05 15.93
O2 SO4 M . -5.81 -10.22 17.96
O3 SO4 M . -4.43 -8.82 16.59
O4 SO4 M . -6.62 -9.45 15.86
S SO4 N . -4.67 -3.63 23.06
O1 SO4 N . -6.11 -3.52 22.82
O2 SO4 N . -4.33 -2.91 24.29
O3 SO4 N . -4.32 -5.04 23.21
O4 SO4 N . -3.91 -3.07 21.95
S SO4 O . -11.06 12.73 14.66
O1 SO4 O . -10.28 13.59 13.77
O2 SO4 O . -12.10 13.54 15.28
O3 SO4 O . -11.68 11.66 13.88
O4 SO4 O . -10.20 12.15 15.68
S SO4 P . -8.19 14.19 -9.85
O1 SO4 P . -8.78 12.97 -10.42
O2 SO4 P . -8.12 14.06 -8.40
O3 SO4 P . -6.85 14.38 -10.40
O4 SO4 P . -9.02 15.34 -10.19
S SO4 Q . 11.72 -0.69 18.64
O1 SO4 Q . 11.33 -1.96 18.06
O2 SO4 Q . 10.87 -0.36 19.76
O3 SO4 Q . 13.08 -0.88 19.10
O4 SO4 Q . 11.65 0.40 17.67
S SO4 R . 18.36 -3.37 7.24
O1 SO4 R . 19.25 -3.65 8.37
O2 SO4 R . 18.00 -1.95 7.28
O3 SO4 R . 19.02 -3.68 5.98
O4 SO4 R . 17.16 -4.21 7.36
S SO4 S . 8.18 -17.40 1.34
O1 SO4 S . 7.40 -18.40 2.07
O2 SO4 S . 8.50 -16.32 2.26
O3 SO4 S . 9.41 -18.01 0.84
O4 SO4 S . 7.40 -16.90 0.20
S SO4 T . -21.94 -0.12 2.76
O1 SO4 T . -23.06 -0.23 3.70
O2 SO4 T . -21.33 1.22 2.79
O3 SO4 T . -20.94 -1.09 3.23
O4 SO4 T . -22.38 -0.44 1.40
CL CL U . -27.03 -4.83 0.47
CL CL V . -8.57 15.53 -19.81
#